data_2BFI
# 
_entry.id   2BFI 
# 
_audit_conform.dict_name       mmcif_pdbx.dic 
_audit_conform.dict_version    5.391 
_audit_conform.dict_location   http://mmcif.pdb.org/dictionaries/ascii/mmcif_pdbx.dic 
# 
loop_
_database_2.database_id 
_database_2.database_code 
_database_2.pdbx_database_accession 
_database_2.pdbx_DOI 
PDB   2BFI         pdb_00002bfi 10.2210/pdb2bfi/pdb 
PDBE  EBI-21894    ?            ?                   
WWPDB D_1290021894 ?            ?                   
# 
loop_
_pdbx_audit_revision_history.ordinal 
_pdbx_audit_revision_history.data_content_type 
_pdbx_audit_revision_history.major_revision 
_pdbx_audit_revision_history.minor_revision 
_pdbx_audit_revision_history.revision_date 
1 'Structure model' 1 0 2005-01-06 
2 'Structure model' 1 1 2016-12-21 
3 'Structure model' 1 2 2024-05-08 
# 
_pdbx_audit_revision_details.ordinal             1 
_pdbx_audit_revision_details.revision_ordinal    1 
_pdbx_audit_revision_details.data_content_type   'Structure model' 
_pdbx_audit_revision_details.provider            repository 
_pdbx_audit_revision_details.type                'Initial release' 
_pdbx_audit_revision_details.description         ? 
_pdbx_audit_revision_details.details             ? 
# 
loop_
_pdbx_audit_revision_group.ordinal 
_pdbx_audit_revision_group.revision_ordinal 
_pdbx_audit_revision_group.data_content_type 
_pdbx_audit_revision_group.group 
1 2 'Structure model' 'Source and taxonomy'       
2 2 'Structure model' 'Version format compliance' 
3 3 'Structure model' 'Data collection'           
4 3 'Structure model' 'Database references'       
# 
loop_
_pdbx_audit_revision_category.ordinal 
_pdbx_audit_revision_category.revision_ordinal 
_pdbx_audit_revision_category.data_content_type 
_pdbx_audit_revision_category.category 
1 3 'Structure model' chem_comp_atom 
2 3 'Structure model' chem_comp_bond 
3 3 'Structure model' database_2     
# 
loop_
_pdbx_audit_revision_item.ordinal 
_pdbx_audit_revision_item.revision_ordinal 
_pdbx_audit_revision_item.data_content_type 
_pdbx_audit_revision_item.item 
1 3 'Structure model' '_database_2.pdbx_DOI'                
2 3 'Structure model' '_database_2.pdbx_database_accession' 
# 
_pdbx_database_status.status_code                     REL 
_pdbx_database_status.entry_id                        2BFI 
_pdbx_database_status.deposit_site                    PDBE 
_pdbx_database_status.process_site                    PDBE 
_pdbx_database_status.SG_entry                        . 
_pdbx_database_status.recvd_initial_deposition_date   2004-12-07 
_pdbx_database_status.pdb_format_compatible           Y 
_pdbx_database_status.status_code_sf                  ? 
_pdbx_database_status.status_code_mr                  ? 
_pdbx_database_status.status_code_cs                  ? 
_pdbx_database_status.methods_development_category    ? 
_pdbx_database_status.status_code_nmr_data            ? 
# 
loop_
_audit_author.name 
_audit_author.pdbx_ordinal 
'Makin, O.S.'   1 
'Atkins, E.'    2 
'Sikorski, P.'  3 
'Johansson, J.' 4 
'Serpell, L.C.' 5 
# 
_citation.id                        primary 
_citation.title                     'Molecular Basis for Amyloid Fibril Formation and Stability' 
_citation.journal_abbrev            Proc.Natl.Acad.Sci.USA 
_citation.journal_volume            102 
_citation.page_first                315 
_citation.page_last                 ? 
_citation.year                      2005 
_citation.journal_id_ASTM           PNASA6 
_citation.country                   US 
_citation.journal_id_ISSN           0027-8424 
_citation.journal_id_CSD            0040 
_citation.book_publisher            ? 
_citation.pdbx_database_id_PubMed   15630094 
_citation.pdbx_database_id_DOI      10.1073/PNAS.0406847102 
# 
loop_
_citation_author.citation_id 
_citation_author.name 
_citation_author.ordinal 
_citation_author.identifier_ORCID 
primary 'Sumner Makin, O.' 1 ? 
primary 'Atkins, E.'       2 ? 
primary 'Sikorski, P.'     3 ? 
primary 'Johansson, J.'    4 ? 
primary 'Serpell, L.C.'    5 ? 
# 
_entity.id                         1 
_entity.type                       polymer 
_entity.src_method                 syn 
_entity.pdbx_description           'SYNTHETIC PEPTIDE' 
_entity.formula_weight             1465.711 
_entity.pdbx_number_of_molecules   1 
_entity.pdbx_ec                    ? 
_entity.pdbx_mutation              ? 
_entity.pdbx_fragment              ? 
_entity.details                    ? 
# 
_entity_poly.entity_id                      1 
_entity_poly.type                           'polypeptide(L)' 
_entity_poly.nstd_linkage                   no 
_entity_poly.nstd_monomer                   no 
_entity_poly.pdbx_seq_one_letter_code       KFFEAAAKKFFE 
_entity_poly.pdbx_seq_one_letter_code_can   KFFEAAAKKFFE 
_entity_poly.pdbx_strand_id                 A 
_entity_poly.pdbx_target_identifier         ? 
# 
loop_
_entity_poly_seq.entity_id 
_entity_poly_seq.num 
_entity_poly_seq.mon_id 
_entity_poly_seq.hetero 
1 1  LYS n 
1 2  PHE n 
1 3  PHE n 
1 4  GLU n 
1 5  ALA n 
1 6  ALA n 
1 7  ALA n 
1 8  LYS n 
1 9  LYS n 
1 10 PHE n 
1 11 PHE n 
1 12 GLU n 
# 
_pdbx_entity_src_syn.entity_id              1 
_pdbx_entity_src_syn.pdbx_src_id            1 
_pdbx_entity_src_syn.pdbx_alt_source_flag   sample 
_pdbx_entity_src_syn.pdbx_beg_seq_num       ? 
_pdbx_entity_src_syn.pdbx_end_seq_num       ? 
_pdbx_entity_src_syn.organism_scientific    'SYNTHETIC CONSTRUCT' 
_pdbx_entity_src_syn.organism_common_name   ? 
_pdbx_entity_src_syn.ncbi_taxonomy_id       32630 
_pdbx_entity_src_syn.details                ? 
# 
loop_
_chem_comp.id 
_chem_comp.type 
_chem_comp.mon_nstd_flag 
_chem_comp.name 
_chem_comp.pdbx_synonyms 
_chem_comp.formula 
_chem_comp.formula_weight 
ALA 'L-peptide linking' y ALANINE         ? 'C3 H7 N O2'     89.093  
GLU 'L-peptide linking' y 'GLUTAMIC ACID' ? 'C5 H9 N O4'     147.129 
LYS 'L-peptide linking' y LYSINE          ? 'C6 H15 N2 O2 1' 147.195 
PHE 'L-peptide linking' y PHENYLALANINE   ? 'C9 H11 N O2'    165.189 
# 
loop_
_pdbx_poly_seq_scheme.asym_id 
_pdbx_poly_seq_scheme.entity_id 
_pdbx_poly_seq_scheme.seq_id 
_pdbx_poly_seq_scheme.mon_id 
_pdbx_poly_seq_scheme.ndb_seq_num 
_pdbx_poly_seq_scheme.pdb_seq_num 
_pdbx_poly_seq_scheme.auth_seq_num 
_pdbx_poly_seq_scheme.pdb_mon_id 
_pdbx_poly_seq_scheme.auth_mon_id 
_pdbx_poly_seq_scheme.pdb_strand_id 
_pdbx_poly_seq_scheme.pdb_ins_code 
_pdbx_poly_seq_scheme.hetero 
A 1 1  LYS 1  1  1  LYS LYS A . n 
A 1 2  PHE 2  2  2  PHE PHE A . n 
A 1 3  PHE 3  3  3  PHE PHE A . n 
A 1 4  GLU 4  4  4  GLU GLU A . n 
A 1 5  ALA 5  5  5  ALA ALA A . n 
A 1 6  ALA 6  6  6  ALA ALA A . n 
A 1 7  ALA 7  7  7  ALA ALA A . n 
A 1 8  LYS 8  8  8  LYS LYS A . n 
A 1 9  LYS 9  9  9  LYS LYS A . n 
A 1 10 PHE 10 10 10 PHE PHE A . n 
A 1 11 PHE 11 11 11 PHE PHE A . n 
A 1 12 GLU 12 12 12 GLU GLU A . n 
# 
loop_
_software.name 
_software.classification 
_software.version 
_software.citation_id 
_software.pdbx_ordinal 
CERIUS refinement       2 ? 1 
MOSFLM 'data reduction' . ? 2 
# 
_cell.entry_id           2BFI 
_cell.length_a           9.520 
_cell.length_b           21.300 
_cell.length_c           48.100 
_cell.angle_alpha        90.00 
_cell.angle_beta         90.00 
_cell.angle_gamma        90.00 
_cell.Z_PDB              4 
_cell.pdbx_unique_axis   ? 
# 
_symmetry.entry_id                         2BFI 
_symmetry.space_group_name_H-M             'P 21 21 21' 
_symmetry.pdbx_full_space_group_name_H-M   ? 
_symmetry.cell_setting                     ? 
_symmetry.Int_Tables_number                19 
# 
_exptl.entry_id          2BFI 
_exptl.method            'X-RAY DIFFRACTION' 
_exptl.crystals_number   ? 
# 
_exptl_crystal.id                    1 
_exptl_crystal.density_meas          ? 
_exptl_crystal.density_Matthews      1.66 
_exptl_crystal.density_percent_sol   26.06 
_exptl_crystal.description           ? 
# 
_diffrn.id                     1 
_diffrn.ambient_temp           293.0 
_diffrn.ambient_temp_details   ? 
_diffrn.crystal_id             1 
# 
_diffrn_detector.diffrn_id              1 
_diffrn_detector.detector               'IMAGE PLATE' 
_diffrn_detector.type                   MARRESEARCH 
_diffrn_detector.pdbx_collection_date   ? 
_diffrn_detector.details                ? 
# 
_diffrn_radiation.diffrn_id                        1 
_diffrn_radiation.wavelength_id                    1 
_diffrn_radiation.pdbx_monochromatic_or_laue_m_l   M 
_diffrn_radiation.monochromator                    ? 
_diffrn_radiation.pdbx_diffrn_protocol             'SINGLE WAVELENGTH' 
_diffrn_radiation.pdbx_scattering_type             x-ray 
# 
_diffrn_radiation_wavelength.id           1 
_diffrn_radiation_wavelength.wavelength   0.99 
_diffrn_radiation_wavelength.wt           1.0 
# 
_diffrn_source.diffrn_id                   1 
_diffrn_source.source                      SYNCHROTRON 
_diffrn_source.type                        'ESRF BEAMLINE ID2' 
_diffrn_source.pdbx_synchrotron_site       ESRF 
_diffrn_source.pdbx_synchrotron_beamline   ID2 
_diffrn_source.pdbx_wavelength             0.99 
_diffrn_source.pdbx_wavelength_list        ? 
# 
_reflns.pdbx_diffrn_id               1 
_reflns.pdbx_ordinal                 1 
_reflns.entry_id                     2BFI 
_reflns.observed_criterion_sigma_I   0.000 
_reflns.observed_criterion_sigma_F   ? 
_reflns.d_resolution_low             100.000 
_reflns.d_resolution_high            1.000 
_reflns.number_obs                   0 
_reflns.number_all                   ? 
_reflns.percent_possible_obs         ? 
_reflns.pdbx_Rmerge_I_obs            ? 
_reflns.pdbx_Rsym_value              ? 
_reflns.pdbx_netI_over_sigmaI        ? 
_reflns.B_iso_Wilson_estimate        ? 
_reflns.pdbx_redundancy              ? 
# 
_refine.pdbx_refine_id                           'X-RAY DIFFRACTION' 
_refine.entry_id                                 2BFI 
_refine.pdbx_diffrn_id                           1 
_refine.pdbx_TLS_residual_ADP_flag               ? 
_refine.ls_number_reflns_obs                     ? 
_refine.ls_number_reflns_all                     ? 
_refine.pdbx_ls_sigma_I                          ? 
_refine.pdbx_ls_sigma_F                          ? 
_refine.pdbx_data_cutoff_high_absF               ? 
_refine.pdbx_data_cutoff_low_absF                ? 
_refine.pdbx_data_cutoff_high_rms_absF           ? 
_refine.ls_d_res_low                             100 
_refine.ls_d_res_high                            1.1 
_refine.ls_percent_reflns_obs                    ? 
_refine.ls_R_factor_obs                          ? 
_refine.ls_R_factor_all                          ? 
_refine.ls_R_factor_R_work                       ? 
_refine.ls_R_factor_R_free                       ? 
_refine.ls_R_factor_R_free_error                 ? 
_refine.ls_R_factor_R_free_error_details         ? 
_refine.ls_percent_reflns_R_free                 ? 
_refine.ls_number_reflns_R_free                  ? 
_refine.ls_number_parameters                     ? 
_refine.ls_number_restraints                     ? 
_refine.occupancy_min                            ? 
_refine.occupancy_max                            ? 
_refine.correlation_coeff_Fo_to_Fc               ? 
_refine.correlation_coeff_Fo_to_Fc_free          ? 
_refine.B_iso_mean                               ? 
_refine.aniso_B[1][1]                            ? 
_refine.aniso_B[2][2]                            ? 
_refine.aniso_B[3][3]                            ? 
_refine.aniso_B[1][2]                            ? 
_refine.aniso_B[1][3]                            ? 
_refine.aniso_B[2][3]                            ? 
_refine.solvent_model_details                    ? 
_refine.solvent_model_param_ksol                 ? 
_refine.solvent_model_param_bsol                 ? 
_refine.pdbx_solvent_vdw_probe_radii             ? 
_refine.pdbx_solvent_ion_probe_radii             ? 
_refine.pdbx_solvent_shrinkage_radii             ? 
_refine.pdbx_ls_cross_valid_method               ? 
_refine.details                                  'THE COORDINATES IN THIS ENTRY WERE GENERATED FROM FIBER DIFFRACTION DATA.' 
_refine.pdbx_starting_model                      ? 
_refine.pdbx_method_to_determine_struct          OTHER 
_refine.pdbx_isotropic_thermal_model             ? 
_refine.pdbx_stereochemistry_target_values       ? 
_refine.pdbx_stereochem_target_val_spec_case     ? 
_refine.pdbx_R_Free_selection_details            ? 
_refine.pdbx_overall_ESU_R                       ? 
_refine.pdbx_overall_ESU_R_Free                  ? 
_refine.overall_SU_ML                            ? 
_refine.pdbx_overall_phase_error                 ? 
_refine.overall_SU_B                             ? 
_refine.overall_SU_R_Cruickshank_DPI             ? 
_refine.pdbx_overall_SU_R_free_Cruickshank_DPI   ? 
_refine.pdbx_overall_SU_R_Blow_DPI               ? 
_refine.pdbx_overall_SU_R_free_Blow_DPI          ? 
# 
_refine_hist.pdbx_refine_id                   'X-RAY DIFFRACTION' 
_refine_hist.cycle_id                         LAST 
_refine_hist.pdbx_number_atoms_protein        104 
_refine_hist.pdbx_number_atoms_nucleic_acid   0 
_refine_hist.pdbx_number_atoms_ligand         0 
_refine_hist.number_atoms_solvent             0 
_refine_hist.number_atoms_total               104 
_refine_hist.d_res_high                       1.1 
_refine_hist.d_res_low                        100 
# 
loop_
_refine_ls_restr.type 
_refine_ls_restr.dev_ideal 
_refine_ls_restr.dev_ideal_target 
_refine_ls_restr.weight 
_refine_ls_restr.number 
_refine_ls_restr.pdbx_refine_id 
_refine_ls_restr.pdbx_restraint_function 
o_bond_d                0.039 ? ? ? 'X-RAY DIFFRACTION' ? 
o_bond_d_na             ?     ? ? ? 'X-RAY DIFFRACTION' ? 
o_bond_d_prot           ?     ? ? ? 'X-RAY DIFFRACTION' ? 
o_angle_d               ?     ? ? ? 'X-RAY DIFFRACTION' ? 
o_angle_d_na            ?     ? ? ? 'X-RAY DIFFRACTION' ? 
o_angle_d_prot          ?     ? ? ? 'X-RAY DIFFRACTION' ? 
o_angle_deg             3.386 ? ? ? 'X-RAY DIFFRACTION' ? 
o_angle_deg_na          ?     ? ? ? 'X-RAY DIFFRACTION' ? 
o_angle_deg_prot        ?     ? ? ? 'X-RAY DIFFRACTION' ? 
o_dihedral_angle_d      ?     ? ? ? 'X-RAY DIFFRACTION' ? 
o_dihedral_angle_d_na   ?     ? ? ? 'X-RAY DIFFRACTION' ? 
o_dihedral_angle_d_prot ?     ? ? ? 'X-RAY DIFFRACTION' ? 
o_improper_angle_d      ?     ? ? ? 'X-RAY DIFFRACTION' ? 
o_improper_angle_d_na   ?     ? ? ? 'X-RAY DIFFRACTION' ? 
o_improper_angle_d_prot ?     ? ? ? 'X-RAY DIFFRACTION' ? 
o_mcbond_it             ?     ? ? ? 'X-RAY DIFFRACTION' ? 
o_mcangle_it            ?     ? ? ? 'X-RAY DIFFRACTION' ? 
o_scbond_it             ?     ? ? ? 'X-RAY DIFFRACTION' ? 
o_scangle_it            ?     ? ? ? 'X-RAY DIFFRACTION' ? 
# 
_struct.entry_id                  2BFI 
_struct.title                     'Molecular basis for amyloid fibril formation and stability' 
_struct.pdbx_model_details        ? 
_struct.pdbx_CASP_flag            ? 
_struct.pdbx_model_type_details   ? 
# 
_struct_keywords.entry_id        2BFI 
_struct_keywords.pdbx_keywords   AMYLOID 
_struct_keywords.text            'AMYLOID, PI-PI BONDING, BETA-SHEET INTERACTIONS' 
# 
_struct_asym.id                            A 
_struct_asym.pdbx_blank_PDB_chainid_flag   N 
_struct_asym.pdbx_modified                 N 
_struct_asym.entity_id                     1 
_struct_asym.details                       ? 
# 
_struct_ref.id                         1 
_struct_ref.db_name                    PDB 
_struct_ref.db_code                    2BFI 
_struct_ref.entity_id                  1 
_struct_ref.pdbx_seq_one_letter_code   ? 
_struct_ref.pdbx_align_begin           ? 
_struct_ref.pdbx_db_accession          2BFI 
_struct_ref.pdbx_db_isoform            ? 
# 
_struct_ref_seq.align_id                      1 
_struct_ref_seq.ref_id                        1 
_struct_ref_seq.pdbx_PDB_id_code              2BFI 
_struct_ref_seq.pdbx_strand_id                A 
_struct_ref_seq.seq_align_beg                 1 
_struct_ref_seq.pdbx_seq_align_beg_ins_code   ? 
_struct_ref_seq.seq_align_end                 12 
_struct_ref_seq.pdbx_seq_align_end_ins_code   ? 
_struct_ref_seq.pdbx_db_accession             2BFI 
_struct_ref_seq.db_align_beg                  1 
_struct_ref_seq.pdbx_db_align_beg_ins_code    ? 
_struct_ref_seq.db_align_end                  12 
_struct_ref_seq.pdbx_db_align_end_ins_code    ? 
_struct_ref_seq.pdbx_auth_seq_align_beg       1 
_struct_ref_seq.pdbx_auth_seq_align_end       12 
# 
_pdbx_struct_assembly.id                   1 
_pdbx_struct_assembly.details              author_and_software_defined_assembly 
_pdbx_struct_assembly.method_details       PQS 
_pdbx_struct_assembly.oligomeric_details   monomeric 
_pdbx_struct_assembly.oligomeric_count     1 
# 
_pdbx_struct_assembly_gen.assembly_id       1 
_pdbx_struct_assembly_gen.oper_expression   1 
_pdbx_struct_assembly_gen.asym_id_list      A 
# 
_pdbx_struct_oper_list.id                   1 
_pdbx_struct_oper_list.type                 'identity operation' 
_pdbx_struct_oper_list.name                 1_555 
_pdbx_struct_oper_list.symmetry_operation   x,y,z 
_pdbx_struct_oper_list.matrix[1][1]         1.0000000000 
_pdbx_struct_oper_list.matrix[1][2]         0.0000000000 
_pdbx_struct_oper_list.matrix[1][3]         0.0000000000 
_pdbx_struct_oper_list.vector[1]            0.0000000000 
_pdbx_struct_oper_list.matrix[2][1]         0.0000000000 
_pdbx_struct_oper_list.matrix[2][2]         1.0000000000 
_pdbx_struct_oper_list.matrix[2][3]         0.0000000000 
_pdbx_struct_oper_list.vector[2]            0.0000000000 
_pdbx_struct_oper_list.matrix[3][1]         0.0000000000 
_pdbx_struct_oper_list.matrix[3][2]         0.0000000000 
_pdbx_struct_oper_list.matrix[3][3]         1.0000000000 
_pdbx_struct_oper_list.vector[3]            0.0000000000 
# 
_struct_biol.id        1 
_struct_biol.details   
;IN ORDER TO GENERATE THE SYMMETRY-RELATED                    
 OBJECTS DESCRIBEDIN THE ACCOMPANYING PUBLICATION,  THE               
  COORDINATES SHOULD BETRANSLATED BY VECTOR (0.45                     
 , -02.14, 1.47) TO GENERATE THECORRECT ORIGIN                        
 AND SYMMETRY OPERATIONS APPLIED TO THE                               
 NEWCOORDINATES.
;
# 
loop_
_pdbx_validate_symm_contact.id 
_pdbx_validate_symm_contact.PDB_model_num 
_pdbx_validate_symm_contact.auth_atom_id_1 
_pdbx_validate_symm_contact.auth_asym_id_1 
_pdbx_validate_symm_contact.auth_comp_id_1 
_pdbx_validate_symm_contact.auth_seq_id_1 
_pdbx_validate_symm_contact.PDB_ins_code_1 
_pdbx_validate_symm_contact.label_alt_id_1 
_pdbx_validate_symm_contact.site_symmetry_1 
_pdbx_validate_symm_contact.auth_atom_id_2 
_pdbx_validate_symm_contact.auth_asym_id_2 
_pdbx_validate_symm_contact.auth_comp_id_2 
_pdbx_validate_symm_contact.auth_seq_id_2 
_pdbx_validate_symm_contact.PDB_ins_code_2 
_pdbx_validate_symm_contact.label_alt_id_2 
_pdbx_validate_symm_contact.site_symmetry_2 
_pdbx_validate_symm_contact.dist 
1  1 HE3 A LYS 1 ? ? 1_555 O   A ALA 7  ? ? 2_564 0.47 
2  1 HE1 A PHE 3 ? ? 1_555 H   A PHE 10 ? ? 2_564 0.61 
3  1 HE1 A PHE 3 ? ? 1_555 N   A PHE 10 ? ? 2_564 0.61 
4  1 O   A LYS 1 ? ? 1_555 NZ  A LYS 9  ? ? 2_564 0.85 
5  1 HA  A GLU 4 ? ? 1_555 HE1 A PHE 11 ? ? 2_564 0.87 
6  1 HB2 A LYS 1 ? ? 1_555 HG3 A LYS 9  ? ? 2_564 0.89 
7  1 HB2 A PHE 3 ? ? 1_555 CD2 A PHE 11 ? ? 2_564 0.90 
8  1 CZ  A PHE 3 ? ? 1_555 C   A LYS 9  ? ? 2_564 1.06 
9  1 CD2 A PHE 2 ? ? 1_555 HB3 A GLU 12 ? ? 4_456 1.08 
10 1 HA  A ALA 5 ? ? 1_555 HE2 A PHE 10 ? ? 4_556 1.10 
11 1 HE3 A LYS 1 ? ? 1_555 C   A ALA 7  ? ? 2_564 1.10 
12 1 HZ  A PHE 3 ? ? 1_555 C   A LYS 9  ? ? 2_564 1.13 
13 1 CE1 A PHE 3 ? ? 1_555 C   A LYS 9  ? ? 2_564 1.18 
14 1 HZ  A PHE 3 ? ? 1_555 O   A LYS 9  ? ? 2_564 1.19 
15 1 CE  A LYS 1 ? ? 1_555 O   A ALA 7  ? ? 2_564 1.19 
16 1 CE2 A PHE 2 ? ? 1_555 HB3 A GLU 12 ? ? 4_456 1.19 
17 1 O   A ALA 6 ? ? 1_555 HE2 A LYS 8  ? ? 4_556 1.21 
18 1 CE2 A PHE 3 ? ? 1_555 HB2 A LYS 9  ? ? 2_564 1.21 
19 1 HD1 A PHE 3 ? ? 1_555 HD2 A PHE 11 ? ? 2_564 1.26 
20 1 O   A PHE 3 ? ? 1_555 HZ  A PHE 11 ? ? 2_564 1.26 
21 1 CE1 A PHE 3 ? ? 1_555 N   A PHE 10 ? ? 2_564 1.27 
22 1 C   A LYS 1 ? ? 1_555 NZ  A LYS 9  ? ? 2_564 1.28 
23 1 HB2 A PHE 3 ? ? 1_555 CE2 A PHE 11 ? ? 2_564 1.30 
24 1 HA  A ALA 7 ? ? 1_555 HE2 A LYS 8  ? ? 4_556 1.33 
25 1 O   A PHE 3 ? ? 1_555 CZ  A PHE 11 ? ? 2_564 1.34 
26 1 O   A GLU 4 ? ? 1_555 CE2 A PHE 10 ? ? 4_556 1.34 
27 1 CZ  A PHE 3 ? ? 1_555 CA  A LYS 9  ? ? 2_564 1.34 
28 1 NZ  A LYS 1 ? ? 1_555 HB3 A ALA 6  ? ? 3_655 1.35 
29 1 N   A LYS 1 ? ? 1_555 HE3 A LYS 9  ? ? 2_564 1.37 
30 1 HE1 A PHE 3 ? ? 1_555 C   A LYS 9  ? ? 2_564 1.43 
31 1 HZ  A PHE 3 ? ? 1_555 CA  A LYS 9  ? ? 2_564 1.43 
32 1 HE2 A LYS 1 ? ? 1_555 O   A ALA 7  ? ? 2_564 1.47 
33 1 CZ  A PHE 3 ? ? 1_555 O   A LYS 9  ? ? 2_564 1.47 
34 1 HB2 A LYS 1 ? ? 1_555 CG  A LYS 9  ? ? 2_564 1.52 
35 1 O   A GLU 4 ? ? 1_555 CZ  A PHE 10 ? ? 4_556 1.53 
36 1 HD2 A PHE 2 ? ? 1_555 CB  A GLU 12 ? ? 4_456 1.55 
37 1 CE1 A PHE 3 ? ? 1_555 H   A PHE 10 ? ? 2_564 1.55 
38 1 O   A LYS 1 ? ? 1_555 CE  A LYS 9  ? ? 2_564 1.57 
39 1 CD1 A PHE 3 ? ? 1_555 HD2 A PHE 11 ? ? 2_564 1.57 
40 1 O   A PHE 3 ? ? 1_555 CE1 A PHE 11 ? ? 2_564 1.61 
41 1 O   A ALA 6 ? ? 1_555 CE  A LYS 8  ? ? 4_556 1.71 
42 1 CE1 A PHE 3 ? ? 1_555 CA  A LYS 9  ? ? 2_564 1.72 
43 1 C   A PHE 3 ? ? 1_555 CE1 A PHE 11 ? ? 2_564 1.80 
44 1 O   A ALA 6 ? ? 1_555 CD  A LYS 8  ? ? 4_556 1.84 
45 1 CB  A PHE 3 ? ? 1_555 CD2 A PHE 11 ? ? 2_564 1.89 
46 1 CD2 A PHE 2 ? ? 1_555 CB  A GLU 12 ? ? 4_456 1.97 
47 1 C   A LYS 1 ? ? 1_555 CE  A LYS 9  ? ? 2_564 1.97 
48 1 CZ  A PHE 3 ? ? 1_555 CB  A LYS 9  ? ? 2_564 1.99 
49 1 C   A PHE 3 ? ? 1_555 CZ  A PHE 11 ? ? 2_564 2.01 
50 1 O   A GLU 4 ? ? 1_555 CD2 A PHE 10 ? ? 4_556 2.01 
51 1 CA  A LYS 1 ? ? 1_555 NZ  A LYS 9  ? ? 2_564 2.05 
52 1 CE  A LYS 1 ? ? 1_555 C   A ALA 7  ? ? 2_564 2.05 
53 1 N   A LYS 1 ? ? 1_555 NZ  A LYS 9  ? ? 2_564 2.06 
54 1 N   A LYS 1 ? ? 1_555 CE  A LYS 9  ? ? 2_564 2.07 
55 1 CE2 A PHE 3 ? ? 1_555 CB  A LYS 9  ? ? 2_564 2.08 
56 1 CE2 A PHE 2 ? ? 1_555 CB  A GLU 12 ? ? 4_456 2.09 
57 1 N   A GLU 4 ? ? 1_555 CE1 A PHE 11 ? ? 2_564 2.12 
58 1 CB  A PHE 3 ? ? 1_555 CE2 A PHE 11 ? ? 2_564 2.13 
59 1 O   A LYS 1 ? ? 1_555 CD  A LYS 9  ? ? 2_564 2.17 
60 1 CA  A LYS 1 ? ? 1_555 CE  A LYS 9  ? ? 2_564 2.18 
# 
loop_
_pdbx_validate_rmsd_bond.id 
_pdbx_validate_rmsd_bond.PDB_model_num 
_pdbx_validate_rmsd_bond.auth_atom_id_1 
_pdbx_validate_rmsd_bond.auth_asym_id_1 
_pdbx_validate_rmsd_bond.auth_comp_id_1 
_pdbx_validate_rmsd_bond.auth_seq_id_1 
_pdbx_validate_rmsd_bond.PDB_ins_code_1 
_pdbx_validate_rmsd_bond.label_alt_id_1 
_pdbx_validate_rmsd_bond.auth_atom_id_2 
_pdbx_validate_rmsd_bond.auth_asym_id_2 
_pdbx_validate_rmsd_bond.auth_comp_id_2 
_pdbx_validate_rmsd_bond.auth_seq_id_2 
_pdbx_validate_rmsd_bond.PDB_ins_code_2 
_pdbx_validate_rmsd_bond.label_alt_id_2 
_pdbx_validate_rmsd_bond.bond_value 
_pdbx_validate_rmsd_bond.bond_target_value 
_pdbx_validate_rmsd_bond.bond_deviation 
_pdbx_validate_rmsd_bond.bond_standard_deviation 
_pdbx_validate_rmsd_bond.linker_flag 
1 1 CD A GLU 4  ? ? OE1 A GLU 4  ? ? 1.184 1.252 -0.068 0.011 N 
2 1 CD A GLU 4  ? ? OE2 A GLU 4  ? ? 1.368 1.252 0.116  0.011 N 
3 1 CD A GLU 12 ? ? OE2 A GLU 12 ? ? 1.393 1.252 0.141  0.011 N 
# 
loop_
_pdbx_validate_rmsd_angle.id 
_pdbx_validate_rmsd_angle.PDB_model_num 
_pdbx_validate_rmsd_angle.auth_atom_id_1 
_pdbx_validate_rmsd_angle.auth_asym_id_1 
_pdbx_validate_rmsd_angle.auth_comp_id_1 
_pdbx_validate_rmsd_angle.auth_seq_id_1 
_pdbx_validate_rmsd_angle.PDB_ins_code_1 
_pdbx_validate_rmsd_angle.label_alt_id_1 
_pdbx_validate_rmsd_angle.auth_atom_id_2 
_pdbx_validate_rmsd_angle.auth_asym_id_2 
_pdbx_validate_rmsd_angle.auth_comp_id_2 
_pdbx_validate_rmsd_angle.auth_seq_id_2 
_pdbx_validate_rmsd_angle.PDB_ins_code_2 
_pdbx_validate_rmsd_angle.label_alt_id_2 
_pdbx_validate_rmsd_angle.auth_atom_id_3 
_pdbx_validate_rmsd_angle.auth_asym_id_3 
_pdbx_validate_rmsd_angle.auth_comp_id_3 
_pdbx_validate_rmsd_angle.auth_seq_id_3 
_pdbx_validate_rmsd_angle.PDB_ins_code_3 
_pdbx_validate_rmsd_angle.label_alt_id_3 
_pdbx_validate_rmsd_angle.angle_value 
_pdbx_validate_rmsd_angle.angle_target_value 
_pdbx_validate_rmsd_angle.angle_deviation 
_pdbx_validate_rmsd_angle.angle_standard_deviation 
_pdbx_validate_rmsd_angle.linker_flag 
1 1 N  A GLU 4  ? ? CA A GLU 4  ? ? CB  A GLU 4  ? ? 94.70  110.60 -15.90 1.80 N 
2 1 N  A ALA 7  ? ? CA A ALA 7  ? ? CB  A ALA 7  ? ? 119.96 110.10 9.86   1.40 N 
3 1 N  A PHE 10 ? ? CA A PHE 10 ? ? CB  A PHE 10 ? ? 98.15  110.60 -12.45 1.80 N 
4 1 CB A PHE 11 ? ? CG A PHE 11 ? ? CD2 A PHE 11 ? ? 128.15 120.80 7.35   0.70 N 
5 1 CB A PHE 11 ? ? CG A PHE 11 ? ? CD1 A PHE 11 ? ? 116.00 120.80 -4.80  0.70 N 
# 
loop_
_pdbx_validate_planes.id 
_pdbx_validate_planes.PDB_model_num 
_pdbx_validate_planes.auth_comp_id 
_pdbx_validate_planes.auth_asym_id 
_pdbx_validate_planes.auth_seq_id 
_pdbx_validate_planes.PDB_ins_code 
_pdbx_validate_planes.label_alt_id 
_pdbx_validate_planes.rmsd 
_pdbx_validate_planes.type 
1 1 PHE A 2  ? ? 0.104 'SIDE CHAIN' 
2 1 PHE A 3  ? ? 0.143 'SIDE CHAIN' 
3 1 PHE A 11 ? ? 0.132 'SIDE CHAIN' 
# 
loop_
_chem_comp_atom.comp_id 
_chem_comp_atom.atom_id 
_chem_comp_atom.type_symbol 
_chem_comp_atom.pdbx_aromatic_flag 
_chem_comp_atom.pdbx_stereo_config 
_chem_comp_atom.pdbx_ordinal 
ALA N   N N N 1  
ALA CA  C N S 2  
ALA C   C N N 3  
ALA O   O N N 4  
ALA CB  C N N 5  
ALA OXT O N N 6  
ALA H   H N N 7  
ALA H2  H N N 8  
ALA HA  H N N 9  
ALA HB1 H N N 10 
ALA HB2 H N N 11 
ALA HB3 H N N 12 
ALA HXT H N N 13 
GLU N   N N N 14 
GLU CA  C N S 15 
GLU C   C N N 16 
GLU O   O N N 17 
GLU CB  C N N 18 
GLU CG  C N N 19 
GLU CD  C N N 20 
GLU OE1 O N N 21 
GLU OE2 O N N 22 
GLU OXT O N N 23 
GLU H   H N N 24 
GLU H2  H N N 25 
GLU HA  H N N 26 
GLU HB2 H N N 27 
GLU HB3 H N N 28 
GLU HG2 H N N 29 
GLU HG3 H N N 30 
GLU HE2 H N N 31 
GLU HXT H N N 32 
LYS N   N N N 33 
LYS CA  C N S 34 
LYS C   C N N 35 
LYS O   O N N 36 
LYS CB  C N N 37 
LYS CG  C N N 38 
LYS CD  C N N 39 
LYS CE  C N N 40 
LYS NZ  N N N 41 
LYS OXT O N N 42 
LYS H   H N N 43 
LYS H2  H N N 44 
LYS HA  H N N 45 
LYS HB2 H N N 46 
LYS HB3 H N N 47 
LYS HG2 H N N 48 
LYS HG3 H N N 49 
LYS HD2 H N N 50 
LYS HD3 H N N 51 
LYS HE2 H N N 52 
LYS HE3 H N N 53 
LYS HZ1 H N N 54 
LYS HZ2 H N N 55 
LYS HZ3 H N N 56 
LYS HXT H N N 57 
PHE N   N N N 58 
PHE CA  C N S 59 
PHE C   C N N 60 
PHE O   O N N 61 
PHE CB  C N N 62 
PHE CG  C Y N 63 
PHE CD1 C Y N 64 
PHE CD2 C Y N 65 
PHE CE1 C Y N 66 
PHE CE2 C Y N 67 
PHE CZ  C Y N 68 
PHE OXT O N N 69 
PHE H   H N N 70 
PHE H2  H N N 71 
PHE HA  H N N 72 
PHE HB2 H N N 73 
PHE HB3 H N N 74 
PHE HD1 H N N 75 
PHE HD2 H N N 76 
PHE HE1 H N N 77 
PHE HE2 H N N 78 
PHE HZ  H N N 79 
PHE HXT H N N 80 
# 
loop_
_chem_comp_bond.comp_id 
_chem_comp_bond.atom_id_1 
_chem_comp_bond.atom_id_2 
_chem_comp_bond.value_order 
_chem_comp_bond.pdbx_aromatic_flag 
_chem_comp_bond.pdbx_stereo_config 
_chem_comp_bond.pdbx_ordinal 
ALA N   CA  sing N N 1  
ALA N   H   sing N N 2  
ALA N   H2  sing N N 3  
ALA CA  C   sing N N 4  
ALA CA  CB  sing N N 5  
ALA CA  HA  sing N N 6  
ALA C   O   doub N N 7  
ALA C   OXT sing N N 8  
ALA CB  HB1 sing N N 9  
ALA CB  HB2 sing N N 10 
ALA CB  HB3 sing N N 11 
ALA OXT HXT sing N N 12 
GLU N   CA  sing N N 13 
GLU N   H   sing N N 14 
GLU N   H2  sing N N 15 
GLU CA  C   sing N N 16 
GLU CA  CB  sing N N 17 
GLU CA  HA  sing N N 18 
GLU C   O   doub N N 19 
GLU C   OXT sing N N 20 
GLU CB  CG  sing N N 21 
GLU CB  HB2 sing N N 22 
GLU CB  HB3 sing N N 23 
GLU CG  CD  sing N N 24 
GLU CG  HG2 sing N N 25 
GLU CG  HG3 sing N N 26 
GLU CD  OE1 doub N N 27 
GLU CD  OE2 sing N N 28 
GLU OE2 HE2 sing N N 29 
GLU OXT HXT sing N N 30 
LYS N   CA  sing N N 31 
LYS N   H   sing N N 32 
LYS N   H2  sing N N 33 
LYS CA  C   sing N N 34 
LYS CA  CB  sing N N 35 
LYS CA  HA  sing N N 36 
LYS C   O   doub N N 37 
LYS C   OXT sing N N 38 
LYS CB  CG  sing N N 39 
LYS CB  HB2 sing N N 40 
LYS CB  HB3 sing N N 41 
LYS CG  CD  sing N N 42 
LYS CG  HG2 sing N N 43 
LYS CG  HG3 sing N N 44 
LYS CD  CE  sing N N 45 
LYS CD  HD2 sing N N 46 
LYS CD  HD3 sing N N 47 
LYS CE  NZ  sing N N 48 
LYS CE  HE2 sing N N 49 
LYS CE  HE3 sing N N 50 
LYS NZ  HZ1 sing N N 51 
LYS NZ  HZ2 sing N N 52 
LYS NZ  HZ3 sing N N 53 
LYS OXT HXT sing N N 54 
PHE N   CA  sing N N 55 
PHE N   H   sing N N 56 
PHE N   H2  sing N N 57 
PHE CA  C   sing N N 58 
PHE CA  CB  sing N N 59 
PHE CA  HA  sing N N 60 
PHE C   O   doub N N 61 
PHE C   OXT sing N N 62 
PHE CB  CG  sing N N 63 
PHE CB  HB2 sing N N 64 
PHE CB  HB3 sing N N 65 
PHE CG  CD1 doub Y N 66 
PHE CG  CD2 sing Y N 67 
PHE CD1 CE1 sing Y N 68 
PHE CD1 HD1 sing N N 69 
PHE CD2 CE2 doub Y N 70 
PHE CD2 HD2 sing N N 71 
PHE CE1 CZ  doub Y N 72 
PHE CE1 HE1 sing N N 73 
PHE CE2 CZ  sing Y N 74 
PHE CE2 HE2 sing N N 75 
PHE CZ  HZ  sing N N 76 
PHE OXT HXT sing N N 77 
# 
_atom_sites.entry_id                    2BFI 
_atom_sites.fract_transf_matrix[1][1]   0.00746213 
_atom_sites.fract_transf_matrix[1][2]   0.10459366 
_atom_sites.fract_transf_matrix[1][3]   -0.00618908 
_atom_sites.fract_transf_matrix[2][1]   -0.04272841 
_atom_sites.fract_transf_matrix[2][2]   0.00190288 
_atom_sites.fract_transf_matrix[2][3]   -0.01935916 
_atom_sites.fract_transf_matrix[3][1]   -0.00848658 
_atom_sites.fract_transf_matrix[3][2]   0.00172386 
_atom_sites.fract_transf_matrix[3][3]   0.01890054 
_atom_sites.fract_transf_vector[1]      0.208543 
_atom_sites.fract_transf_vector[2]      0.350373 
_atom_sites.fract_transf_vector[3]      0.470414 
# 
loop_
_atom_type.symbol 
C 
H 
N 
O 
# 
loop_
_atom_site.group_PDB 
_atom_site.id 
_atom_site.type_symbol 
_atom_site.label_atom_id 
_atom_site.label_alt_id 
_atom_site.label_comp_id 
_atom_site.label_asym_id 
_atom_site.label_entity_id 
_atom_site.label_seq_id 
_atom_site.pdbx_PDB_ins_code 
_atom_site.Cartn_x 
_atom_site.Cartn_y 
_atom_site.Cartn_z 
_atom_site.occupancy 
_atom_site.B_iso_or_equiv 
_atom_site.pdbx_formal_charge 
_atom_site.auth_seq_id 
_atom_site.auth_comp_id 
_atom_site.auth_asym_id 
_atom_site.auth_atom_id 
_atom_site.pdbx_PDB_model_num 
ATOM 1   N N   . LYS A 1 1  ? 6.676   -2.159 -18.723 1.00 0.00 ? 1  LYS A N   1 
ATOM 2   C CA  . LYS A 1 1  ? 6.571   -1.163 -17.627 1.00 0.00 ? 1  LYS A CA  1 
ATOM 3   C C   . LYS A 1 1  ? 6.886   -1.942 -16.204 1.00 0.00 ? 1  LYS A C   1 
ATOM 4   O O   . LYS A 1 1  ? 6.735   -3.168 -16.097 1.00 0.00 ? 1  LYS A O   1 
ATOM 5   C CB  . LYS A 1 1  ? 5.217   -0.370 -17.841 1.00 0.00 ? 1  LYS A CB  1 
ATOM 6   C CG  . LYS A 1 1  ? 4.658   -0.042 -19.334 1.00 0.00 ? 1  LYS A CG  1 
ATOM 7   C CD  . LYS A 1 1  ? 3.297   0.833  -19.490 1.00 0.00 ? 1  LYS A CD  1 
ATOM 8   C CE  . LYS A 1 1  ? 2.926   1.539  -20.855 1.00 0.00 ? 1  LYS A CE  1 
ATOM 9   N NZ  . LYS A 1 1  ? 1.732   2.434  -20.715 1.00 0.00 ? 1  LYS A NZ  1 
ATOM 10  H H1  . LYS A 1 1  ? 6.800   -1.613 -19.586 1.00 0.00 ? 1  LYS A H1  1 
ATOM 11  H H2  . LYS A 1 1  ? 7.466   -2.866 -18.662 1.00 0.00 ? 1  LYS A H2  1 
ATOM 12  H HA  . LYS A 1 1  ? 7.356   -0.426 -17.848 1.00 0.00 ? 1  LYS A HA  1 
ATOM 13  H HB2 . LYS A 1 1  ? 4.414   -0.800 -17.255 1.00 0.00 ? 1  LYS A HB2 1 
ATOM 14  H HB3 . LYS A 1 1  ? 5.324   0.642  -17.373 1.00 0.00 ? 1  LYS A HB3 1 
ATOM 15  H HG2 . LYS A 1 1  ? 5.454   0.493  -19.853 1.00 0.00 ? 1  LYS A HG2 1 
ATOM 16  H HG3 . LYS A 1 1  ? 4.558   -0.971 -19.932 1.00 0.00 ? 1  LYS A HG3 1 
ATOM 17  H HD2 . LYS A 1 1  ? 2.400   0.311  -19.120 1.00 0.00 ? 1  LYS A HD2 1 
ATOM 18  H HD3 . LYS A 1 1  ? 3.375   1.640  -18.742 1.00 0.00 ? 1  LYS A HD3 1 
ATOM 19  H HE2 . LYS A 1 1  ? 3.726   2.156  -21.323 1.00 0.00 ? 1  LYS A HE2 1 
ATOM 20  H HE3 . LYS A 1 1  ? 2.733   0.772  -21.632 1.00 0.00 ? 1  LYS A HE3 1 
ATOM 21  N N   . PHE A 1 2  ? 6.964   -1.155 -15.152 1.00 0.00 ? 2  PHE A N   1 
ATOM 22  C CA  . PHE A 1 2  ? 6.879   -1.673 -13.790 1.00 0.00 ? 2  PHE A CA  1 
ATOM 23  C C   . PHE A 1 2  ? 6.002   -0.793 -12.930 1.00 0.00 ? 2  PHE A C   1 
ATOM 24  O O   . PHE A 1 2  ? 6.098   0.466  -12.945 1.00 0.00 ? 2  PHE A O   1 
ATOM 25  C CB  . PHE A 1 2  ? 8.296   -1.728 -13.081 1.00 0.00 ? 2  PHE A CB  1 
ATOM 26  C CG  . PHE A 1 2  ? 9.552   -2.362 -13.773 1.00 0.00 ? 2  PHE A CG  1 
ATOM 27  C CD1 . PHE A 1 2  ? 10.844  -1.884 -13.480 1.00 0.00 ? 2  PHE A CD1 1 
ATOM 28  C CD2 . PHE A 1 2  ? 9.395   -3.572 -14.461 1.00 0.00 ? 2  PHE A CD2 1 
ATOM 29  C CE1 . PHE A 1 2  ? 11.937  -2.702 -13.779 1.00 0.00 ? 2  PHE A CE1 1 
ATOM 30  C CE2 . PHE A 1 2  ? 10.483  -4.356 -14.787 1.00 0.00 ? 2  PHE A CE2 1 
ATOM 31  C CZ  . PHE A 1 2  ? 11.744  -3.930 -14.423 1.00 0.00 ? 2  PHE A CZ  1 
ATOM 32  H H   . PHE A 1 2  ? 7.090   -0.142 -15.293 1.00 0.00 ? 2  PHE A H   1 
ATOM 33  H HA  . PHE A 1 2  ? 6.427   -2.682 -13.818 1.00 0.00 ? 2  PHE A HA  1 
ATOM 34  H HB2 . PHE A 1 2  ? 8.542   -0.714 -12.722 1.00 0.00 ? 2  PHE A HB2 1 
ATOM 35  H HB3 . PHE A 1 2  ? 8.074   -2.270 -12.158 1.00 0.00 ? 2  PHE A HB3 1 
ATOM 36  H HD1 . PHE A 1 2  ? 11.017  -0.915 -12.956 1.00 0.00 ? 2  PHE A HD1 1 
ATOM 37  H HD2 . PHE A 1 2  ? 8.438   -4.023 -14.660 1.00 0.00 ? 2  PHE A HD2 1 
ATOM 38  H HE1 . PHE A 1 2  ? 12.912  -2.414 -13.417 1.00 0.00 ? 2  PHE A HE1 1 
ATOM 39  H HE2 . PHE A 1 2  ? 10.265  -5.294 -15.318 1.00 0.00 ? 2  PHE A HE2 1 
ATOM 40  H HZ  . PHE A 1 2  ? 12.544  -4.619 -14.623 1.00 0.00 ? 2  PHE A HZ  1 
ATOM 41  N N   . PHE A 1 3  ? 5.133   -1.418 -12.163 1.00 0.00 ? 3  PHE A N   1 
ATOM 42  C CA  . PHE A 1 3  ? 4.223   -0.696 -11.280 1.00 0.00 ? 3  PHE A CA  1 
ATOM 43  C C   . PHE A 1 3  ? 4.136   -1.364 -9.929  1.00 0.00 ? 3  PHE A C   1 
ATOM 44  O O   . PHE A 1 3  ? 4.011   -2.614 -9.807  1.00 0.00 ? 3  PHE A O   1 
ATOM 45  C CB  . PHE A 1 3  ? 2.788   -0.395 -11.790 1.00 0.00 ? 3  PHE A CB  1 
ATOM 46  C CG  . PHE A 1 3  ? 2.488   -0.324 -13.272 1.00 0.00 ? 3  PHE A CG  1 
ATOM 47  C CD1 . PHE A 1 3  ? 1.297   -0.923 -13.706 1.00 0.00 ? 3  PHE A CD1 1 
ATOM 48  C CD2 . PHE A 1 3  ? 3.042   0.700  -14.076 1.00 0.00 ? 3  PHE A CD2 1 
ATOM 49  C CE1 . PHE A 1 3  ? 0.630   -0.428 -14.806 1.00 0.00 ? 3  PHE A CE1 1 
ATOM 50  C CE2 . PHE A 1 3  ? 2.470   1.012  -15.291 1.00 0.00 ? 3  PHE A CE2 1 
ATOM 51  C CZ  . PHE A 1 3  ? 1.228   0.513  -15.605 1.00 0.00 ? 3  PHE A CZ  1 
ATOM 52  H H   . PHE A 1 3  ? 5.094   -2.447 -12.187 1.00 0.00 ? 3  PHE A H   1 
ATOM 53  H HA  . PHE A 1 3  ? 4.606   0.331  -11.131 1.00 0.00 ? 3  PHE A HA  1 
ATOM 54  H HB2 . PHE A 1 3  ? 2.076   -1.095 -11.282 1.00 0.00 ? 3  PHE A HB2 1 
ATOM 55  H HB3 . PHE A 1 3  ? 2.577   0.617  -11.423 1.00 0.00 ? 3  PHE A HB3 1 
ATOM 56  H HD1 . PHE A 1 3  ? 0.827   -1.720 -13.215 1.00 0.00 ? 3  PHE A HD1 1 
ATOM 57  H HD2 . PHE A 1 3  ? 3.907   1.322  -13.802 1.00 0.00 ? 3  PHE A HD2 1 
ATOM 58  H HE1 . PHE A 1 3  ? -0.333  -0.867 -14.995 1.00 0.00 ? 3  PHE A HE1 1 
ATOM 59  H HE2 . PHE A 1 3  ? 2.944   1.730  -15.916 1.00 0.00 ? 3  PHE A HE2 1 
ATOM 60  H HZ  . PHE A 1 3  ? 0.702   0.837  -16.479 1.00 0.00 ? 3  PHE A HZ  1 
ATOM 61  N N   . GLU A 1 4  ? 4.198   -0.564 -8.885  1.00 0.00 ? 4  GLU A N   1 
ATOM 62  C CA  . GLU A 1 4  ? 4.127   -1.072 -7.517  1.00 0.00 ? 4  GLU A CA  1 
ATOM 63  C C   . GLU A 1 4  ? 3.233   -0.204 -6.664  1.00 0.00 ? 4  GLU A C   1 
ATOM 64  O O   . GLU A 1 4  ? 3.298   1.019  -6.691  1.00 0.00 ? 4  GLU A O   1 
ATOM 65  C CB  . GLU A 1 4  ? 5.650   -1.080 -7.307  1.00 0.00 ? 4  GLU A CB  1 
ATOM 66  C CG  . GLU A 1 4  ? 6.136   -0.723 -5.947  1.00 0.00 ? 4  GLU A CG  1 
ATOM 67  C CD  . GLU A 1 4  ? 7.609   -0.846 -5.785  1.00 0.00 ? 4  GLU A CD  1 
ATOM 68  O OE1 . GLU A 1 4  ? 8.104   -0.370 -4.821  1.00 0.00 ? 4  GLU A OE1 1 
ATOM 69  O OE2 . GLU A 1 4  ? 8.296   -1.353 -6.854  1.00 0.00 ? 4  GLU A OE2 1 
ATOM 70  H H   . GLU A 1 4  ? 4.300   0.449  -9.037  1.00 0.00 ? 4  GLU A H   1 
ATOM 71  H HA  . GLU A 1 4  ? 3.690   -2.088 -7.538  1.00 0.00 ? 4  GLU A HA  1 
ATOM 72  H HB2 . GLU A 1 4  ? 5.995   -2.100 -7.633  1.00 0.00 ? 4  GLU A HB2 1 
ATOM 73  H HB3 . GLU A 1 4  ? 6.241   -0.365 -7.959  1.00 0.00 ? 4  GLU A HB3 1 
ATOM 74  H HG2 . GLU A 1 4  ? 5.847   0.321  -5.761  1.00 0.00 ? 4  GLU A HG2 1 
ATOM 75  H HG3 . GLU A 1 4  ? 5.609   -1.252 -5.146  1.00 0.00 ? 4  GLU A HG3 1 
ATOM 76  H HE2 . GLU A 1 4  ? 8.821   -0.609 -7.127  1.00 0.00 ? 4  GLU A HE2 1 
ATOM 77  N N   . ALA A 1 5  ? 2.380   -0.839 -5.890  1.00 0.00 ? 5  ALA A N   1 
ATOM 78  C CA  . ALA A 1 5  ? 1.454   -0.130 -5.012  1.00 0.00 ? 5  ALA A CA  1 
ATOM 79  C C   . ALA A 1 5  ? 1.385   -0.786 -3.653  1.00 0.00 ? 5  ALA A C   1 
ATOM 80  O O   . ALA A 1 5  ? 1.302   -2.013 -3.523  1.00 0.00 ? 5  ALA A O   1 
ATOM 81  C CB  . ALA A 1 5  ? -0.010  -0.125 -5.630  1.00 0.00 ? 5  ALA A CB  1 
ATOM 82  H H   . ALA A 1 5  ? 2.365   -1.869 -5.903  1.00 0.00 ? 5  ALA A H   1 
ATOM 83  H HA  . ALA A 1 5  ? 1.830   0.899  -4.860  1.00 0.00 ? 5  ALA A HA  1 
ATOM 84  H HB1 . ALA A 1 5  ? -0.822  0.343  -4.988  1.00 0.00 ? 5  ALA A HB1 1 
ATOM 85  H HB2 . ALA A 1 5  ? -0.115  0.389  -6.624  1.00 0.00 ? 5  ALA A HB2 1 
ATOM 86  H HB3 . ALA A 1 5  ? -0.375  -1.180 -5.745  1.00 0.00 ? 5  ALA A HB3 1 
ATOM 87  N N   . ALA A 1 6  ? 1.432   0.025  -2.618  1.00 0.00 ? 6  ALA A N   1 
ATOM 88  C CA  . ALA A 1 6  ? 1.375   -0.470 -1.246  1.00 0.00 ? 6  ALA A CA  1 
ATOM 89  C C   . ALA A 1 6  ? 0.464   0.386  -0.399  1.00 0.00 ? 6  ALA A C   1 
ATOM 90  O O   . ALA A 1 6  ? 0.494   1.621  -0.448  1.00 0.00 ? 6  ALA A O   1 
ATOM 91  C CB  . ALA A 1 6  ? 2.806   -0.484 -0.588  1.00 0.00 ? 6  ALA A CB  1 
ATOM 92  H H   . ALA A 1 6  ? 1.510   1.038  -2.780  1.00 0.00 ? 6  ALA A H   1 
ATOM 93  H HA  . ALA A 1 6  ? 0.951   -1.491 -1.255  1.00 0.00 ? 6  ALA A HA  1 
ATOM 94  H HB1 . ALA A 1 6  ? 3.483   -1.234 -1.072  1.00 0.00 ? 6  ALA A HB1 1 
ATOM 95  H HB2 . ALA A 1 6  ? 2.859   -0.755 0.497   1.00 0.00 ? 6  ALA A HB2 1 
ATOM 96  H HB3 . ALA A 1 6  ? 3.266   0.511  -0.632  1.00 0.00 ? 6  ALA A HB3 1 
ATOM 97  N N   . ALA A 1 7  ? -0.373  -0.261 0.383   1.00 0.00 ? 7  ALA A N   1 
ATOM 98  C CA  . ALA A 1 7  ? -1.313  0.436  1.257   1.00 0.00 ? 7  ALA A CA  1 
ATOM 99  C C   . ALA A 1 7  ? -1.364  -0.209 2.622   1.00 0.00 ? 7  ALA A C   1 
ATOM 100 O O   . ALA A 1 7  ? -1.419  -1.436 2.765   1.00 0.00 ? 7  ALA A O   1 
ATOM 101 C CB  . ALA A 1 7  ? -2.732  0.763  0.756   1.00 0.00 ? 7  ALA A CB  1 
ATOM 102 H H   . ALA A 1 7  ? -0.365  -1.291 0.381   1.00 0.00 ? 7  ALA A H   1 
ATOM 103 H HA  . ALA A 1 7  ? -0.960  1.475  1.398   1.00 0.00 ? 7  ALA A HA  1 
ATOM 104 H HB1 . ALA A 1 7  ? -3.155  1.674  1.152   1.00 0.00 ? 7  ALA A HB1 1 
ATOM 105 H HB2 . ALA A 1 7  ? -3.370  -0.127 1.008   1.00 0.00 ? 7  ALA A HB2 1 
ATOM 106 H HB3 . ALA A 1 7  ? -2.714  0.936  -0.333  1.00 0.00 ? 7  ALA A HB3 1 
ATOM 107 N N   . LYS A 1 8  ? -1.334  0.613  3.649   1.00 0.00 ? 8  LYS A N   1 
ATOM 108 C CA  . LYS A 1 8  ? -1.377  0.131  5.027   1.00 0.00 ? 8  LYS A CA  1 
ATOM 109 C C   . LYS A 1 8  ? -2.306  0.975  5.866   1.00 0.00 ? 8  LYS A C   1 
ATOM 110 O O   . LYS A 1 8  ? -2.297  2.214  5.813   1.00 0.00 ? 8  LYS A O   1 
ATOM 111 C CB  . LYS A 1 8  ? 0.027   -0.153 5.661   1.00 0.00 ? 8  LYS A CB  1 
ATOM 112 C CG  . LYS A 1 8  ? 0.992   -0.959 4.787   1.00 0.00 ? 8  LYS A CG  1 
ATOM 113 C CD  . LYS A 1 8  ? 2.383   -1.193 5.336   1.00 0.00 ? 8  LYS A CD  1 
ATOM 114 C CE  . LYS A 1 8  ? 3.235   -1.829 4.229   1.00 0.00 ? 8  LYS A CE  1 
ATOM 115 N NZ  . LYS A 1 8  ? 4.641   -2.032 4.602   1.00 0.00 ? 8  LYS A NZ  1 
ATOM 116 H H   . LYS A 1 8  ? -1.278  1.627  3.476   1.00 0.00 ? 8  LYS A H   1 
ATOM 117 H HA  . LYS A 1 8  ? -1.776  -0.900 5.023   1.00 0.00 ? 8  LYS A HA  1 
ATOM 118 H HB2 . LYS A 1 8  ? 0.554   0.775  5.882   1.00 0.00 ? 8  LYS A HB2 1 
ATOM 119 H HB3 . LYS A 1 8  ? -0.192  -0.647 6.640   1.00 0.00 ? 8  LYS A HB3 1 
ATOM 120 H HG2 . LYS A 1 8  ? 0.485   -1.890 4.463   1.00 0.00 ? 8  LYS A HG2 1 
ATOM 121 H HG3 . LYS A 1 8  ? 1.083   -0.370 3.853   1.00 0.00 ? 8  LYS A HG3 1 
ATOM 122 H HD2 . LYS A 1 8  ? 2.851   -0.234 5.604   1.00 0.00 ? 8  LYS A HD2 1 
ATOM 123 H HD3 . LYS A 1 8  ? 2.361   -1.813 6.245   1.00 0.00 ? 8  LYS A HD3 1 
ATOM 124 H HE2 . LYS A 1 8  ? 2.798   -2.785 3.889   1.00 0.00 ? 8  LYS A HE2 1 
ATOM 125 H HE3 . LYS A 1 8  ? 3.273   -1.192 3.335   1.00 0.00 ? 8  LYS A HE3 1 
ATOM 126 N N   . LYS A 1 9  ? -3.126  0.316  6.658   1.00 0.00 ? 9  LYS A N   1 
ATOM 127 C CA  . LYS A 1 9  ? -4.080  1.001  7.525   1.00 0.00 ? 9  LYS A CA  1 
ATOM 128 C C   . LYS A 1 9  ? -4.114  0.370  8.896   1.00 0.00 ? 9  LYS A C   1 
ATOM 129 O O   . LYS A 1 9  ? -4.152  -0.860 9.052   1.00 0.00 ? 9  LYS A O   1 
ATOM 130 C CB  . LYS A 1 9  ? -5.420  1.469  6.854   1.00 0.00 ? 9  LYS A CB  1 
ATOM 131 C CG  . LYS A 1 9  ? -5.327  2.092  5.446   1.00 0.00 ? 9  LYS A CG  1 
ATOM 132 C CD  . LYS A 1 9  ? -6.590  2.592  4.804   1.00 0.00 ? 9  LYS A CD  1 
ATOM 133 C CE  . LYS A 1 9  ? -6.333  3.096  3.325   1.00 0.00 ? 9  LYS A CE  1 
ATOM 134 N NZ  . LYS A 1 9  ? -7.506  2.994  2.496   1.00 0.00 ? 9  LYS A NZ  1 
ATOM 135 H H   . LYS A 1 9  ? -3.095  -0.713 6.664   1.00 0.00 ? 9  LYS A H   1 
ATOM 136 H HA  . LYS A 1 9  ? -3.748  2.049  7.650   1.00 0.00 ? 9  LYS A HA  1 
ATOM 137 H HB2 . LYS A 1 9  ? -6.011  0.568  6.841   1.00 0.00 ? 9  LYS A HB2 1 
ATOM 138 H HB3 . LYS A 1 9  ? -5.957  2.193  7.484   1.00 0.00 ? 9  LYS A HB3 1 
ATOM 139 H HG2 . LYS A 1 9  ? -4.538  2.862  5.332   1.00 0.00 ? 9  LYS A HG2 1 
ATOM 140 H HG3 . LYS A 1 9  ? -4.903  1.264  4.875   1.00 0.00 ? 9  LYS A HG3 1 
ATOM 141 H HD2 . LYS A 1 9  ? -7.413  1.859  4.861   1.00 0.00 ? 9  LYS A HD2 1 
ATOM 142 H HD3 . LYS A 1 9  ? -6.993  3.449  5.364   1.00 0.00 ? 9  LYS A HD3 1 
ATOM 143 H HE2 . LYS A 1 9  ? -5.993  4.124  3.385   1.00 0.00 ? 9  LYS A HE2 1 
ATOM 144 H HE3 . LYS A 1 9  ? -5.512  2.552  2.792   1.00 0.00 ? 9  LYS A HE3 1 
ATOM 145 N N   . PHE A 1 10 ? -4.101  1.202  9.916   1.00 0.00 ? 10 PHE A N   1 
ATOM 146 C CA  . PHE A 1 10 ? -4.129  0.733  11.299  1.00 0.00 ? 10 PHE A CA  1 
ATOM 147 C C   . PHE A 1 10 ? -5.076  1.564  12.131  1.00 0.00 ? 10 PHE A C   1 
ATOM 148 O O   . PHE A 1 10 ? -5.095  2.825  12.066  1.00 0.00 ? 10 PHE A O   1 
ATOM 149 C CB  . PHE A 1 10 ? -2.593  1.073  11.689  1.00 0.00 ? 10 PHE A CB  1 
ATOM 150 C CG  . PHE A 1 10 ? -1.427  0.035  11.547  1.00 0.00 ? 10 PHE A CG  1 
ATOM 151 C CD1 . PHE A 1 10 ? -0.546  -0.170 12.619  1.00 0.00 ? 10 PHE A CD1 1 
ATOM 152 C CD2 . PHE A 1 10 ? -1.169  -0.632 10.363  1.00 0.00 ? 10 PHE A CD2 1 
ATOM 153 C CE1 . PHE A 1 10 ? 0.510   -1.053 12.527  1.00 0.00 ? 10 PHE A CE1 1 
ATOM 154 C CE2 . PHE A 1 10 ? -0.120  -1.552 10.274  1.00 0.00 ? 10 PHE A CE2 1 
ATOM 155 C CZ  . PHE A 1 10 ? 0.696   -1.772 11.364  1.00 0.00 ? 10 PHE A CZ  1 
ATOM 156 H H   . PHE A 1 10 ? -4.068  2.216  9.732   1.00 0.00 ? 10 PHE A H   1 
ATOM 157 H HA  . PHE A 1 10 ? -4.487  -0.313 11.314  1.00 0.00 ? 10 PHE A HA  1 
ATOM 158 H HB2 . PHE A 1 10 ? -2.294  2.110  11.329  1.00 0.00 ? 10 PHE A HB2 1 
ATOM 159 H HB3 . PHE A 1 10 ? -2.698  1.259  12.762  1.00 0.00 ? 10 PHE A HB3 1 
ATOM 160 H HD1 . PHE A 1 10 ? -0.763  0.415  13.479  1.00 0.00 ? 10 PHE A HD1 1 
ATOM 161 H HD2 . PHE A 1 10 ? -1.659  -0.306 9.450   1.00 0.00 ? 10 PHE A HD2 1 
ATOM 162 H HE1 . PHE A 1 10 ? 1.132   -1.205 13.430  1.00 0.00 ? 10 PHE A HE1 1 
ATOM 163 H HE2 . PHE A 1 10 ? 0.086   -2.090 9.370   1.00 0.00 ? 10 PHE A HE2 1 
ATOM 164 H HZ  . PHE A 1 10 ? 1.543   -2.418 11.251  1.00 0.00 ? 10 PHE A HZ  1 
ATOM 165 N N   . PHE A 1 11 ? -5.879  0.895  12.931  1.00 0.00 ? 11 PHE A N   1 
ATOM 166 C CA  . PHE A 1 11 ? -6.847  1.566  13.794  1.00 0.00 ? 11 PHE A CA  1 
ATOM 167 C C   . PHE A 1 11 ? -6.863  0.948  15.172  1.00 0.00 ? 11 PHE A C   1 
ATOM 168 O O   . PHE A 1 11 ? -6.873  -0.303 15.343  1.00 0.00 ? 11 PHE A O   1 
ATOM 169 C CB  . PHE A 1 11 ? -8.222  1.291  13.088  1.00 0.00 ? 11 PHE A CB  1 
ATOM 170 C CG  . PHE A 1 11 ? -8.682  2.062  11.781  1.00 0.00 ? 11 PHE A CG  1 
ATOM 171 C CD1 . PHE A 1 11 ? -10.014 2.450  11.740  1.00 0.00 ? 11 PHE A CD1 1 
ATOM 172 C CD2 . PHE A 1 11 ? -7.860  2.547  10.694  1.00 0.00 ? 11 PHE A CD2 1 
ATOM 173 C CE1 . PHE A 1 11 ? -10.449 3.487  10.941  1.00 0.00 ? 11 PHE A CE1 1 
ATOM 174 C CE2 . PHE A 1 11 ? -8.320  3.521  9.794   1.00 0.00 ? 11 PHE A CE2 1 
ATOM 175 C CZ  . PHE A 1 11 ? -9.589  4.061  9.986   1.00 0.00 ? 11 PHE A CZ  1 
ATOM 176 H H   . PHE A 1 11 ? -5.825  -0.133 12.947  1.00 0.00 ? 11 PHE A H   1 
ATOM 177 H HA  . PHE A 1 11 ? -6.556  2.629  13.899  1.00 0.00 ? 11 PHE A HA  1 
ATOM 178 H HB2 . PHE A 1 11 ? -8.354  0.202  12.949  1.00 0.00 ? 11 PHE A HB2 1 
ATOM 179 H HB3 . PHE A 1 11 ? -8.987  1.436  13.891  1.00 0.00 ? 11 PHE A HB3 1 
ATOM 180 H HD1 . PHE A 1 11 ? -10.657 2.023  12.482  1.00 0.00 ? 11 PHE A HD1 1 
ATOM 181 H HD2 . PHE A 1 11 ? -6.892  2.065  10.523  1.00 0.00 ? 11 PHE A HD2 1 
ATOM 182 H HE1 . PHE A 1 11 ? -11.441 3.867  11.076  1.00 0.00 ? 11 PHE A HE1 1 
ATOM 183 H HE2 . PHE A 1 11 ? -7.698  3.943  8.999   1.00 0.00 ? 11 PHE A HE2 1 
ATOM 184 H HZ  . PHE A 1 11 ? -9.964  4.825  9.382   1.00 0.00 ? 11 PHE A HZ  1 
ATOM 185 N N   . GLU A 1 12 ? -6.866  1.791  16.182  1.00 0.00 ? 12 GLU A N   1 
ATOM 186 C CA  . GLU A 1 12 ? -6.882  1.335  17.570  1.00 0.00 ? 12 GLU A CA  1 
ATOM 187 C C   . GLU A 1 12 ? -8.347  1.037  17.993  1.00 0.00 ? 12 GLU A C   1 
ATOM 188 O O   . GLU A 1 12 ? -8.687  -0.077 18.427  1.00 0.00 ? 12 GLU A O   1 
ATOM 189 C CB  . GLU A 1 12 ? -6.311  2.382  18.618  1.00 0.00 ? 12 GLU A CB  1 
ATOM 190 C CG  . GLU A 1 12 ? -6.234  2.034  20.174  1.00 0.00 ? 12 GLU A CG  1 
ATOM 191 C CD  . GLU A 1 12 ? -6.001  3.170  21.212  1.00 0.00 ? 12 GLU A CD  1 
ATOM 192 O OE1 . GLU A 1 12 ? -6.318  4.337  21.052  1.00 0.00 ? 12 GLU A OE1 1 
ATOM 193 O OE2 . GLU A 1 12 ? -5.650  2.685  22.470  1.00 0.00 ? 12 GLU A OE2 1 
ATOM 194 H H   . GLU A 1 12 ? -6.858  2.803  15.989  1.00 0.00 ? 12 GLU A H   1 
ATOM 195 H HA  . GLU A 1 12 ? -6.316  0.428  17.676  1.00 0.00 ? 12 GLU A HA  1 
ATOM 196 H HB2 . GLU A 1 12 ? -5.309  2.662  18.331  1.00 0.00 ? 12 GLU A HB2 1 
ATOM 197 H HB3 . GLU A 1 12 ? -6.900  3.303  18.530  1.00 0.00 ? 12 GLU A HB3 1 
ATOM 198 H HG2 . GLU A 1 12 ? -7.130  1.474  20.548  1.00 0.00 ? 12 GLU A HG2 1 
ATOM 199 H HG3 . GLU A 1 12 ? -5.374  1.386  20.397  1.00 0.00 ? 12 GLU A HG3 1 
ATOM 200 H HE2 . GLU A 1 12 ? -5.666  3.457  23.084  1.00 0.00 ? 12 GLU A HE2 1 
# 
